data_8J98
#
_entry.id   8J98
#
_cell.length_a   105.987
_cell.length_b   105.987
_cell.length_c   41.691
_cell.angle_alpha   90.000
_cell.angle_beta   90.000
_cell.angle_gamma   120.000
#
_symmetry.space_group_name_H-M   'P 65'
#
loop_
_entity.id
_entity.type
_entity.pdbx_description
1 polymer 'near-infrared fluorescent protein'
2 non-polymer 'SODIUM ION'
3 non-polymer 'FORMIC ACID'
4 non-polymer GLYCEROL
5 non-polymer '3-[5-[[(3~{R},4~{R})-3-ethenyl-4-methyl-5-oxidanylidene-3,4-dihydropyrrol-2-yl]methyl]-2-[[5-[(4-ethenyl-3-methyl-5-oxidanylidene-pyrrol-2-yl)methyl]-3-(3-hydroxy-3-oxopropyl)-4-methyl-1~{H}-pyrrol-2-yl]methyl]-4-methyl-1~{H}-pyrrol-3-yl]propanoic acid'
#
_entity_poly.entity_id   1
_entity_poly.type   'polypeptide(L)'
_entity_poly.pdbx_seq_one_letter_code
;MGSSHHHHHHSSGLVPRGSHMASMTGGQQMGRGSEDFQYAIDMFKKFIEEAAASMGPEAVKYAKEFLKLLKEYHKNGINN
RLLKIALLLLRNQKKIVDKASQDLWRRHPELIAPGGIAFSQRDRALCLRDYGWFLILIVMCLVSGDKGPIEKIGLKCIRE
MYNSLGVVPAMMESIRCLKEASLSLLDEEDANETAPYFDYIIKAMSLEHHHHHH
;
_entity_poly.pdbx_strand_id   A
#
# COMPACT_ATOMS: atom_id res chain seq x y z
N GLY A 31 13.45 -13.65 -1.76
CA GLY A 31 12.02 -13.81 -1.92
C GLY A 31 11.49 -15.09 -1.30
N ARG A 32 10.26 -15.04 -0.80
CA ARG A 32 9.65 -16.19 -0.15
C ARG A 32 8.15 -15.96 -0.05
N GLY A 33 7.38 -16.99 -0.39
CA GLY A 33 5.94 -16.92 -0.31
C GLY A 33 5.36 -18.18 0.30
N SER A 34 4.33 -18.04 1.13
CA SER A 34 3.73 -19.18 1.81
C SER A 34 2.23 -18.96 1.94
N GLU A 35 1.53 -20.06 2.19
CA GLU A 35 0.08 -20.05 2.37
C GLU A 35 -0.31 -20.17 3.84
N ASP A 36 0.47 -19.59 4.75
CA ASP A 36 0.27 -19.71 6.17
C ASP A 36 0.02 -18.34 6.79
N PHE A 37 -0.71 -18.32 7.91
CA PHE A 37 -0.93 -17.07 8.63
C PHE A 37 0.38 -16.47 9.11
N GLN A 38 1.40 -17.29 9.34
CA GLN A 38 2.69 -16.78 9.77
C GLN A 38 3.36 -15.95 8.67
N TYR A 39 3.09 -16.27 7.41
CA TYR A 39 3.64 -15.49 6.31
C TYR A 39 3.12 -14.05 6.34
N ALA A 40 1.80 -13.89 6.54
CA ALA A 40 1.23 -12.56 6.64
C ALA A 40 1.78 -11.82 7.85
N ILE A 41 1.90 -12.52 8.98
CA ILE A 41 2.45 -11.91 10.18
C ILE A 41 3.87 -11.41 9.93
N ASP A 42 4.69 -12.25 9.27
CA ASP A 42 6.06 -11.84 8.98
C ASP A 42 6.09 -10.67 8.01
N MET A 43 5.19 -10.67 7.02
CA MET A 43 5.13 -9.54 6.09
C MET A 43 4.78 -8.25 6.83
N PHE A 44 3.86 -8.33 7.80
CA PHE A 44 3.53 -7.13 8.58
C PHE A 44 4.70 -6.70 9.46
N LYS A 45 5.41 -7.65 10.06
CA LYS A 45 6.57 -7.29 10.88
C LYS A 45 7.65 -6.62 10.03
N LYS A 46 7.96 -7.20 8.86
CA LYS A 46 8.95 -6.61 7.99
C LYS A 46 8.53 -5.20 7.55
N PHE A 47 7.24 -5.01 7.25
CA PHE A 47 6.76 -3.69 6.89
C PHE A 47 6.93 -2.71 8.04
N ILE A 48 6.58 -3.13 9.26
CA ILE A 48 6.74 -2.27 10.42
C ILE A 48 8.20 -1.88 10.60
N GLU A 49 9.10 -2.86 10.50
CA GLU A 49 10.52 -2.59 10.67
C GLU A 49 11.05 -1.64 9.62
N GLU A 50 10.60 -1.80 8.37
CA GLU A 50 11.13 -1.00 7.28
C GLU A 50 10.57 0.41 7.27
N ALA A 51 9.30 0.59 7.65
CA ALA A 51 8.63 1.87 7.55
C ALA A 51 8.51 2.59 8.89
N ALA A 52 9.13 2.07 9.94
CA ALA A 52 9.00 2.69 11.26
C ALA A 52 9.47 4.13 11.25
N ALA A 53 10.67 4.37 10.71
CA ALA A 53 11.21 5.72 10.70
C ALA A 53 10.42 6.65 9.79
N SER A 54 9.73 6.12 8.78
CA SER A 54 8.99 6.95 7.85
C SER A 54 7.59 7.29 8.34
N MET A 55 6.94 6.33 9.01
CA MET A 55 5.55 6.52 9.44
C MET A 55 5.43 7.22 10.79
N GLY A 56 6.49 7.21 11.60
CA GLY A 56 6.45 7.84 12.89
C GLY A 56 6.22 6.85 14.01
N PRO A 57 6.22 7.32 15.26
CA PRO A 57 6.07 6.41 16.39
C PRO A 57 4.61 6.05 16.65
N GLU A 58 3.71 6.99 16.42
CA GLU A 58 2.29 6.69 16.58
C GLU A 58 1.84 5.62 15.60
N ALA A 59 2.37 5.65 14.37
CA ALA A 59 1.99 4.66 13.38
C ALA A 59 2.52 3.27 13.75
N VAL A 60 3.76 3.20 14.23
CA VAL A 60 4.33 1.91 14.61
C VAL A 60 3.56 1.31 15.77
N LYS A 61 3.14 2.14 16.73
CA LYS A 61 2.33 1.66 17.84
C LYS A 61 0.99 1.11 17.34
N TYR A 62 0.35 1.84 16.42
CA TYR A 62 -0.89 1.34 15.83
C TYR A 62 -0.65 0.01 15.11
N ALA A 63 0.41 -0.08 14.32
CA ALA A 63 0.68 -1.32 13.60
C ALA A 63 0.96 -2.47 14.55
N LYS A 64 1.75 -2.21 15.60
CA LYS A 64 2.03 -3.25 16.59
C LYS A 64 0.75 -3.72 17.27
N GLU A 65 -0.09 -2.78 17.71
CA GLU A 65 -1.38 -3.16 18.28
C GLU A 65 -2.21 -3.96 17.30
N PHE A 66 -2.25 -3.54 16.04
CA PHE A 66 -2.98 -4.27 15.01
C PHE A 66 -2.47 -5.70 14.90
N LEU A 67 -1.15 -5.87 14.86
CA LEU A 67 -0.58 -7.20 14.72
C LEU A 67 -0.90 -8.08 15.91
N LYS A 68 -0.86 -7.51 17.12
CA LYS A 68 -1.22 -8.27 18.31
C LYS A 68 -2.68 -8.69 18.27
N LEU A 69 -3.57 -7.78 17.87
CA LEU A 69 -4.98 -8.12 17.83
C LEU A 69 -5.27 -9.18 16.76
N LEU A 70 -4.60 -9.08 15.61
CA LEU A 70 -4.82 -10.08 14.55
C LEU A 70 -4.42 -11.47 15.02
N LYS A 71 -3.29 -11.57 15.72
CA LYS A 71 -2.87 -12.87 16.24
C LYS A 71 -3.82 -13.35 17.34
N GLU A 72 -4.31 -12.44 18.19
CA GLU A 72 -5.23 -12.83 19.24
C GLU A 72 -6.54 -13.35 18.68
N TYR A 73 -7.05 -12.72 17.62
CA TYR A 73 -8.27 -13.18 16.98
C TYR A 73 -8.02 -14.39 16.08
N HIS A 74 -6.82 -14.51 15.51
CA HIS A 74 -6.47 -15.73 14.78
C HIS A 74 -6.48 -16.94 15.71
N LYS A 75 -6.19 -16.74 17.00
CA LYS A 75 -6.26 -17.84 17.95
C LYS A 75 -7.66 -18.44 18.01
N ASN A 76 -8.68 -17.65 17.67
CA ASN A 76 -10.07 -18.09 17.70
C ASN A 76 -10.60 -18.41 16.31
N GLY A 77 -9.71 -18.48 15.31
CA GLY A 77 -10.11 -18.76 13.95
C GLY A 77 -10.19 -17.51 13.09
N ILE A 78 -9.78 -17.63 11.83
CA ILE A 78 -9.69 -16.50 10.92
C ILE A 78 -10.56 -16.76 9.70
N ASN A 79 -11.08 -15.68 9.13
CA ASN A 79 -11.85 -15.77 7.89
C ASN A 79 -10.91 -16.19 6.75
N ASN A 80 -11.16 -17.39 6.20
CA ASN A 80 -10.26 -17.94 5.19
C ASN A 80 -10.30 -17.15 3.89
N ARG A 81 -11.47 -16.67 3.48
CA ARG A 81 -11.55 -15.90 2.24
C ARG A 81 -10.66 -14.67 2.31
N LEU A 82 -10.79 -13.90 3.39
CA LEU A 82 -9.97 -12.69 3.53
C LEU A 82 -8.49 -13.04 3.55
N LEU A 83 -8.11 -14.03 4.36
CA LEU A 83 -6.72 -14.45 4.41
C LEU A 83 -6.23 -14.94 3.06
N LYS A 84 -7.11 -15.57 2.27
CA LYS A 84 -6.71 -16.04 0.95
C LYS A 84 -6.36 -14.87 0.04
N ILE A 85 -7.24 -13.87 -0.01
CA ILE A 85 -6.98 -12.69 -0.84
C ILE A 85 -5.75 -11.95 -0.35
N ALA A 86 -5.57 -11.90 0.97
CA ALA A 86 -4.40 -11.21 1.53
C ALA A 86 -3.11 -11.91 1.14
N LEU A 87 -3.07 -13.24 1.27
CA LEU A 87 -1.90 -14.00 0.87
C LEU A 87 -1.63 -13.87 -0.62
N LEU A 88 -2.70 -13.88 -1.43
CA LEU A 88 -2.53 -13.79 -2.87
C LEU A 88 -1.93 -12.45 -3.29
N LEU A 89 -2.30 -11.38 -2.57
CA LEU A 89 -1.74 -10.06 -2.84
C LEU A 89 -0.36 -9.89 -2.25
N LEU A 90 -0.08 -10.53 -1.11
CA LEU A 90 1.25 -10.41 -0.51
C LEU A 90 2.30 -11.19 -1.28
N ARG A 91 1.99 -12.43 -1.69
CA ARG A 91 2.97 -13.25 -2.38
C ARG A 91 3.36 -12.65 -3.73
N ASN A 92 2.45 -11.90 -4.36
CA ASN A 92 2.71 -11.23 -5.63
C ASN A 92 2.96 -9.74 -5.44
N GLN A 93 3.53 -9.35 -4.30
CA GLN A 93 3.79 -7.93 -4.04
C GLN A 93 4.71 -7.34 -5.09
N LYS A 94 5.85 -8.00 -5.35
CA LYS A 94 6.84 -7.43 -6.25
C LYS A 94 6.33 -7.39 -7.68
N LYS A 95 5.59 -8.42 -8.10
CA LYS A 95 4.99 -8.41 -9.42
C LYS A 95 4.03 -7.24 -9.57
N ILE A 96 3.16 -7.04 -8.58
CA ILE A 96 2.21 -5.92 -8.64
C ILE A 96 2.97 -4.60 -8.69
N VAL A 97 4.00 -4.45 -7.86
CA VAL A 97 4.77 -3.21 -7.84
C VAL A 97 5.37 -2.92 -9.21
N ASP A 98 6.01 -3.92 -9.81
CA ASP A 98 6.64 -3.73 -11.11
C ASP A 98 5.61 -3.37 -12.17
N LYS A 99 4.49 -4.10 -12.20
CA LYS A 99 3.47 -3.85 -13.21
C LYS A 99 2.89 -2.45 -13.06
N ALA A 100 2.58 -2.04 -11.82
CA ALA A 100 2.06 -0.70 -11.61
C ALA A 100 3.08 0.36 -11.99
N SER A 101 4.34 0.16 -11.60
CA SER A 101 5.36 1.15 -11.92
C SER A 101 5.53 1.30 -13.42
N GLN A 102 5.47 0.19 -14.16
CA GLN A 102 5.61 0.26 -15.61
C GLN A 102 4.43 1.01 -16.23
N ASP A 103 3.20 0.68 -15.80
CA ASP A 103 2.04 1.41 -16.30
C ASP A 103 2.15 2.90 -15.99
N LEU A 104 2.62 3.25 -14.80
CA LEU A 104 2.71 4.65 -14.42
C LEU A 104 3.76 5.38 -15.25
N TRP A 105 4.95 4.77 -15.42
CA TRP A 105 5.98 5.40 -16.23
C TRP A 105 5.49 5.61 -17.67
N ARG A 106 4.70 4.67 -18.19
CA ARG A 106 4.20 4.79 -19.55
C ARG A 106 3.16 5.88 -19.66
N ARG A 107 2.23 5.92 -18.70
CA ARG A 107 1.17 6.94 -18.74
C ARG A 107 1.69 8.32 -18.40
N HIS A 108 2.82 8.42 -17.71
CA HIS A 108 3.41 9.71 -17.34
C HIS A 108 4.92 9.59 -17.39
N PRO A 109 5.51 9.63 -18.58
CA PRO A 109 6.98 9.53 -18.69
C PRO A 109 7.71 10.66 -17.98
N GLU A 110 7.04 11.79 -17.71
CA GLU A 110 7.71 12.91 -17.07
C GLU A 110 8.18 12.58 -15.66
N LEU A 111 7.62 11.53 -15.05
CA LEU A 111 8.05 11.15 -13.70
C LEU A 111 9.48 10.66 -13.68
N ILE A 112 9.93 9.98 -14.75
CA ILE A 112 11.26 9.42 -14.82
C ILE A 112 12.18 10.22 -15.72
N ALA A 113 11.70 11.28 -16.35
CA ALA A 113 12.54 12.10 -17.20
C ALA A 113 13.31 13.11 -16.37
N PRO A 114 14.33 13.74 -16.95
CA PRO A 114 15.08 14.76 -16.20
C PRO A 114 14.13 15.80 -15.62
N GLY A 115 14.41 16.20 -14.39
CA GLY A 115 13.54 17.09 -13.66
C GLY A 115 12.34 16.45 -13.02
N GLY A 116 12.10 15.16 -13.28
CA GLY A 116 10.96 14.48 -12.68
C GLY A 116 11.24 14.03 -11.25
N ILE A 117 10.18 13.58 -10.59
CA ILE A 117 10.29 13.15 -9.20
C ILE A 117 10.92 11.76 -9.10
N ALA A 118 10.72 10.91 -10.10
CA ALA A 118 11.26 9.56 -10.09
C ALA A 118 12.43 9.40 -11.06
N PHE A 119 13.06 10.50 -11.46
CA PHE A 119 14.19 10.41 -12.38
C PHE A 119 15.39 9.74 -11.72
N SER A 120 15.72 10.16 -10.50
CA SER A 120 16.87 9.59 -9.80
C SER A 120 16.62 8.12 -9.50
N GLN A 121 17.69 7.32 -9.56
CA GLN A 121 17.59 5.91 -9.23
C GLN A 121 17.07 5.71 -7.82
N ARG A 122 17.64 6.46 -6.86
CA ARG A 122 17.15 6.39 -5.49
C ARG A 122 15.68 6.76 -5.41
N ASP A 123 15.28 7.84 -6.09
CA ASP A 123 13.88 8.27 -6.06
C ASP A 123 12.98 7.20 -6.64
N ARG A 124 13.36 6.60 -7.78
CA ARG A 124 12.54 5.55 -8.37
C ARG A 124 12.47 4.34 -7.44
N ALA A 125 13.56 4.04 -6.72
CA ALA A 125 13.53 2.98 -5.73
C ALA A 125 12.58 3.32 -4.59
N LEU A 126 12.58 4.58 -4.15
CA LEU A 126 11.66 4.98 -3.09
C LEU A 126 10.21 4.86 -3.57
N CYS A 127 9.96 5.12 -4.85
CA CYS A 127 8.62 4.93 -5.40
C CYS A 127 8.18 3.49 -5.24
N LEU A 128 9.00 2.54 -5.70
CA LEU A 128 8.65 1.13 -5.57
C LEU A 128 8.49 0.74 -4.10
N ARG A 129 9.31 1.31 -3.22
CA ARG A 129 9.16 1.02 -1.79
C ARG A 129 7.79 1.46 -1.30
N ASP A 130 7.42 2.72 -1.57
CA ASP A 130 6.10 3.20 -1.15
C ASP A 130 4.98 2.43 -1.82
N TYR A 131 5.18 1.99 -3.06
CA TYR A 131 4.19 1.13 -3.71
C TYR A 131 3.97 -0.14 -2.89
N GLY A 132 5.05 -0.83 -2.54
CA GLY A 132 4.92 -2.03 -1.73
C GLY A 132 4.29 -1.76 -0.38
N TRP A 133 4.60 -0.60 0.21
CA TRP A 133 4.01 -0.25 1.49
C TRP A 133 2.52 0.05 1.36
N PHE A 134 2.12 0.75 0.31
CA PHE A 134 0.69 0.93 0.05
C PHE A 134 -0.01 -0.41 -0.06
N LEU A 135 0.64 -1.39 -0.69
CA LEU A 135 0.04 -2.71 -0.84
C LEU A 135 -0.06 -3.42 0.51
N ILE A 136 0.95 -3.25 1.36
CA ILE A 136 0.87 -3.80 2.71
C ILE A 136 -0.31 -3.22 3.46
N LEU A 137 -0.48 -1.90 3.38
CA LEU A 137 -1.63 -1.27 4.02
C LEU A 137 -2.94 -1.82 3.48
N ILE A 138 -3.04 -1.99 2.16
CA ILE A 138 -4.23 -2.60 1.57
C ILE A 138 -4.46 -3.98 2.18
N VAL A 139 -3.40 -4.76 2.33
CA VAL A 139 -3.56 -6.12 2.85
C VAL A 139 -3.99 -6.08 4.31
N MET A 140 -3.50 -5.11 5.07
CA MET A 140 -3.92 -4.98 6.46
C MET A 140 -5.42 -4.68 6.55
N CYS A 141 -5.93 -3.82 5.67
CA CYS A 141 -7.37 -3.57 5.65
C CYS A 141 -8.13 -4.81 5.21
N LEU A 142 -7.62 -5.54 4.22
CA LEU A 142 -8.27 -6.75 3.76
C LEU A 142 -8.48 -7.73 4.92
N VAL A 143 -7.39 -8.11 5.59
CA VAL A 143 -7.48 -9.11 6.65
C VAL A 143 -8.35 -8.60 7.80
N SER A 144 -8.35 -7.29 8.04
CA SER A 144 -9.16 -6.72 9.10
C SER A 144 -10.56 -6.31 8.64
N GLY A 145 -10.82 -6.36 7.34
CA GLY A 145 -12.11 -5.93 6.82
C GLY A 145 -12.47 -4.50 7.17
N ASP A 146 -11.47 -3.65 7.40
CA ASP A 146 -11.71 -2.28 7.83
C ASP A 146 -10.62 -1.39 7.27
N LYS A 147 -10.99 -0.13 6.99
CA LYS A 147 -10.06 0.86 6.45
C LYS A 147 -9.27 1.57 7.54
N GLY A 148 -9.33 1.09 8.78
CA GLY A 148 -8.63 1.70 9.88
C GLY A 148 -7.16 1.94 9.59
N PRO A 149 -6.44 0.88 9.19
CA PRO A 149 -5.01 1.07 8.90
C PRO A 149 -4.73 2.14 7.86
N ILE A 150 -5.65 2.36 6.92
CA ILE A 150 -5.45 3.44 5.96
C ILE A 150 -5.80 4.79 6.58
N GLU A 151 -6.81 4.83 7.44
CA GLU A 151 -7.15 6.09 8.12
C GLU A 151 -5.99 6.57 8.98
N LYS A 152 -5.44 5.68 9.80
CA LYS A 152 -4.40 6.06 10.76
C LYS A 152 -3.06 6.26 10.07
N ILE A 153 -2.49 5.18 9.55
CA ILE A 153 -1.16 5.28 8.93
C ILE A 153 -1.23 5.97 7.57
N GLY A 154 -2.01 5.40 6.65
CA GLY A 154 -2.08 5.87 5.28
C GLY A 154 -2.20 7.38 5.11
N LEU A 155 -3.25 7.96 5.68
CA LEU A 155 -3.48 9.39 5.52
C LEU A 155 -2.29 10.20 6.00
N LYS A 156 -1.77 9.87 7.18
CA LYS A 156 -0.63 10.61 7.72
C LYS A 156 0.54 10.56 6.76
N CYS A 157 0.85 9.38 6.23
CA CYS A 157 2.00 9.24 5.33
C CYS A 157 1.76 9.98 4.03
N ILE A 158 0.54 9.95 3.52
CA ILE A 158 0.20 10.70 2.30
C ILE A 158 0.45 12.18 2.53
N ARG A 159 0.31 12.66 3.77
CA ARG A 159 0.62 14.05 4.08
C ARG A 159 2.12 14.29 4.09
N GLU A 160 2.84 13.49 4.90
CA GLU A 160 4.30 13.61 4.95
C GLU A 160 4.92 13.46 3.56
N MET A 161 4.41 12.52 2.77
CA MET A 161 4.98 12.30 1.45
C MET A 161 4.84 13.53 0.58
N TYR A 162 3.69 14.20 0.65
CA TYR A 162 3.51 15.45 -0.08
C TYR A 162 4.35 16.59 0.50
N ASN A 163 4.76 16.49 1.76
CA ASN A 163 5.64 17.51 2.33
C ASN A 163 7.05 17.39 1.78
N SER A 164 7.46 16.19 1.35
CA SER A 164 8.77 15.97 0.77
C SER A 164 8.76 16.02 -0.75
N LEU A 165 7.63 15.73 -1.38
CA LEU A 165 7.54 15.70 -2.83
C LEU A 165 6.92 16.97 -3.43
N GLY A 166 5.86 17.47 -2.83
CA GLY A 166 5.11 18.57 -3.42
C GLY A 166 3.94 18.06 -4.24
N VAL A 167 3.36 18.98 -4.99
CA VAL A 167 2.17 18.69 -5.79
C VAL A 167 2.63 18.31 -7.19
N VAL A 168 2.59 17.02 -7.49
CA VAL A 168 2.94 16.55 -8.83
C VAL A 168 1.69 15.89 -9.42
N PRO A 169 1.14 16.44 -10.51
CA PRO A 169 -0.15 15.93 -10.99
C PRO A 169 -0.13 14.46 -11.35
N ALA A 170 0.95 13.96 -11.96
CA ALA A 170 1.02 12.56 -12.35
C ALA A 170 0.85 11.63 -11.15
N MET A 171 1.02 12.14 -9.93
CA MET A 171 0.91 11.29 -8.76
C MET A 171 -0.49 10.69 -8.61
N MET A 172 -1.50 11.35 -9.18
CA MET A 172 -2.87 10.86 -9.03
C MET A 172 -3.07 9.50 -9.69
N GLU A 173 -2.36 9.24 -10.79
CA GLU A 173 -2.42 7.94 -11.45
C GLU A 173 -1.62 6.88 -10.73
N SER A 174 -0.76 7.27 -9.78
CA SER A 174 0.11 6.30 -9.11
C SER A 174 -0.69 5.17 -8.48
N ILE A 175 -1.65 5.51 -7.62
CA ILE A 175 -2.41 4.48 -6.93
C ILE A 175 -3.33 3.74 -7.89
N ARG A 176 -3.82 4.41 -8.93
CA ARG A 176 -4.69 3.73 -9.90
C ARG A 176 -3.96 2.57 -10.55
N CYS A 177 -2.73 2.80 -11.00
CA CYS A 177 -1.93 1.73 -11.58
C CYS A 177 -1.79 0.57 -10.59
N LEU A 178 -1.51 0.89 -9.32
CA LEU A 178 -1.41 -0.13 -8.31
C LEU A 178 -2.71 -0.91 -8.18
N LYS A 179 -3.84 -0.19 -8.15
CA LYS A 179 -5.14 -0.85 -8.12
C LYS A 179 -5.35 -1.70 -9.37
N GLU A 180 -5.10 -1.11 -10.53
CA GLU A 180 -5.21 -1.87 -11.78
C GLU A 180 -4.29 -3.08 -11.78
N ALA A 181 -3.12 -2.95 -11.15
CA ALA A 181 -2.18 -4.06 -11.12
C ALA A 181 -2.52 -5.07 -10.03
N SER A 182 -3.18 -4.64 -8.96
CA SER A 182 -3.55 -5.56 -7.90
C SER A 182 -4.81 -6.35 -8.26
N LEU A 183 -5.89 -5.65 -8.62
CA LEU A 183 -7.15 -6.32 -8.92
C LEU A 183 -7.04 -7.24 -10.13
N SER A 184 -6.05 -7.02 -11.01
CA SER A 184 -5.89 -7.87 -12.18
C SER A 184 -5.51 -9.30 -11.81
N LEU A 185 -5.09 -9.53 -10.57
CA LEU A 185 -4.76 -10.88 -10.09
C LEU A 185 -5.87 -11.49 -9.26
N LEU A 186 -7.05 -10.89 -9.26
CA LEU A 186 -8.18 -11.38 -8.47
C LEU A 186 -9.41 -11.55 -9.35
N ASP A 187 -10.34 -12.37 -8.87
CA ASP A 187 -11.61 -12.53 -9.54
C ASP A 187 -12.51 -11.32 -9.25
N GLU A 188 -13.71 -11.34 -9.85
CA GLU A 188 -14.61 -10.20 -9.67
C GLU A 188 -15.04 -10.05 -8.22
N GLU A 189 -15.25 -11.16 -7.52
CA GLU A 189 -15.64 -11.09 -6.11
C GLU A 189 -14.50 -10.58 -5.25
N ASP A 190 -13.31 -11.17 -5.41
CA ASP A 190 -12.15 -10.70 -4.65
C ASP A 190 -11.79 -9.27 -5.03
N ALA A 191 -11.88 -8.94 -6.32
CA ALA A 191 -11.63 -7.57 -6.74
C ALA A 191 -12.62 -6.61 -6.12
N ASN A 192 -13.89 -7.01 -6.03
CA ASN A 192 -14.89 -6.15 -5.42
C ASN A 192 -14.64 -5.98 -3.93
N GLU A 193 -14.05 -7.00 -3.29
CA GLU A 193 -13.73 -6.91 -1.87
C GLU A 193 -12.54 -5.99 -1.61
N THR A 194 -11.61 -5.92 -2.56
CA THR A 194 -10.37 -5.16 -2.39
C THR A 194 -10.45 -3.74 -2.94
N ALA A 195 -11.31 -3.51 -3.94
CA ALA A 195 -11.36 -2.20 -4.58
C ALA A 195 -11.64 -1.06 -3.61
N PRO A 196 -12.57 -1.19 -2.65
CA PRO A 196 -12.90 -0.03 -1.79
C PRO A 196 -11.69 0.61 -1.14
N TYR A 197 -10.67 -0.17 -0.75
CA TYR A 197 -9.52 0.40 -0.08
C TYR A 197 -8.66 1.21 -1.04
N PHE A 198 -8.52 0.74 -2.29
CA PHE A 198 -7.82 1.54 -3.29
C PHE A 198 -8.57 2.82 -3.59
N ASP A 199 -9.90 2.75 -3.70
CA ASP A 199 -10.68 3.97 -3.91
C ASP A 199 -10.50 4.94 -2.76
N TYR A 200 -10.51 4.45 -1.51
CA TYR A 200 -10.32 5.32 -0.36
C TYR A 200 -8.96 6.01 -0.42
N ILE A 201 -7.91 5.26 -0.80
CA ILE A 201 -6.58 5.84 -0.90
C ILE A 201 -6.54 6.91 -1.99
N ILE A 202 -7.12 6.59 -3.16
CA ILE A 202 -7.10 7.54 -4.27
C ILE A 202 -7.83 8.82 -3.90
N LYS A 203 -9.01 8.69 -3.29
CA LYS A 203 -9.75 9.88 -2.87
C LYS A 203 -8.95 10.70 -1.87
N ALA A 204 -8.33 10.04 -0.89
CA ALA A 204 -7.55 10.76 0.10
C ALA A 204 -6.38 11.50 -0.54
N MET A 205 -5.63 10.84 -1.42
CA MET A 205 -4.53 11.50 -2.10
C MET A 205 -5.03 12.67 -2.95
N SER A 206 -6.17 12.49 -3.60
CA SER A 206 -6.74 13.58 -4.40
C SER A 206 -7.00 14.80 -3.53
N LEU A 207 -7.62 14.61 -2.37
CA LEU A 207 -7.89 15.72 -1.46
C LEU A 207 -6.60 16.36 -0.97
N GLU A 208 -5.62 15.53 -0.59
CA GLU A 208 -4.33 16.06 -0.17
C GLU A 208 -3.63 16.78 -1.32
N HIS A 209 -3.78 16.27 -2.53
CA HIS A 209 -3.08 16.85 -3.68
C HIS A 209 -3.60 18.25 -3.98
N HIS A 210 -4.92 18.42 -4.08
CA HIS A 210 -5.52 19.67 -4.50
C HIS A 210 -5.91 20.58 -3.34
N HIS A 211 -5.58 20.20 -2.10
CA HIS A 211 -5.88 21.01 -0.93
C HIS A 211 -4.69 21.12 0.00
N HIS A 212 -3.50 20.78 -0.50
CA HIS A 212 -2.28 20.84 0.30
C HIS A 212 -1.99 22.28 0.71
N HIS A 213 -1.67 23.11 -0.28
CA HIS A 213 -1.21 24.50 0.03
C HIS A 213 -2.37 25.40 0.42
N HIS A 214 -3.34 24.85 1.15
CA HIS A 214 -4.55 25.64 1.53
C HIS A 214 -4.98 25.23 2.94
#